data_7YUI
#
_entry.id   7YUI
#
_cell.length_a   58.500
_cell.length_b   90.304
_cell.length_c   117.439
_cell.angle_alpha   90.000
_cell.angle_beta   90.000
_cell.angle_gamma   90.000
#
_symmetry.space_group_name_H-M   'P 21 21 21'
#
loop_
_entity.id
_entity.type
_entity.pdbx_description
1 polymer Polyubiquitin-C
2 polymer 'RanBP-type and C3HC4-type zinc finger-containing protein 1'
3 non-polymer 'ZINC ION'
4 water water
#
loop_
_entity_poly.entity_id
_entity_poly.type
_entity_poly.pdbx_seq_one_letter_code
_entity_poly.pdbx_strand_id
1 'polypeptide(L)'
;GPGSMQIFVKTLTGKTITLEVEPSDTIENVKAKIQDKEGIPPDQQRLIFAGKQLEDGRTLSDYNIQKESTLHLVLRLRGG
MQIFVKTLTGKTITLEVEPSDTIENVKAKIQDKEGIPPDQQRLIFAGKQLEDGRTLSDYNIQKESTLHLVLRLRGGMQIF
VKTLTGKTITLEVEPSDTIENVKAKIQDKEGIPPDQQRLIFAGKQLEDGRTLSDYNIQKESTLHLVLRLRGGMQIFVKTL
TGKTITLEVEPSDTIENVKAKIQDKEGIPPDQQRLIFAGKQLEDGRTLSDYNIQKESTLHLVLRLRGG
;
A
2 'polypeptide(L)'
;GSEFVGWQCPGCTFINKPTRPGCEMCCRARPEAYQVPASYQPDEEERARLAGEEEALRQYQQRKQQQQEGNYLQHVQLDQ
RSLVLNTEPAECPVCYSVLAPGEAVVLRECLHTFCRECLQGTIRNSQEAEVSCPFIDNTYSCSGKLLEREIKALLTPEDY
QRFLDLGISIAENRSAFSYHCKTPDCKGWCFFEDDVNEFTCPVCFHVNCLLCKAIHEQMNCKEYQEDLALRAQN
;
B
#
loop_
_chem_comp.id
_chem_comp.type
_chem_comp.name
_chem_comp.formula
ZN non-polymer 'ZINC ION' 'Zn 2'
#
# COMPACT_ATOMS: atom_id res chain seq x y z
N SER A 4 -25.75 32.48 61.53
CA SER A 4 -25.30 31.29 60.81
C SER A 4 -26.40 30.73 59.92
N MET A 5 -26.00 30.14 58.79
CA MET A 5 -26.94 29.63 57.81
C MET A 5 -26.44 28.30 57.26
N GLN A 6 -27.35 27.59 56.61
CA GLN A 6 -27.06 26.29 56.02
C GLN A 6 -27.07 26.40 54.49
N ILE A 7 -26.09 25.76 53.84
CA ILE A 7 -26.03 25.68 52.39
C ILE A 7 -25.76 24.22 52.01
N PHE A 8 -25.97 23.92 50.74
CA PHE A 8 -25.84 22.57 50.21
C PHE A 8 -24.71 22.51 49.20
N VAL A 9 -23.98 21.39 49.21
CA VAL A 9 -22.93 21.11 48.23
C VAL A 9 -23.28 19.81 47.54
N LYS A 10 -23.42 19.86 46.22
CA LYS A 10 -23.77 18.70 45.42
C LYS A 10 -22.54 18.18 44.68
N THR A 11 -22.28 16.89 44.80
CA THR A 11 -21.11 16.27 44.22
C THR A 11 -21.45 15.60 42.89
N LEU A 12 -20.39 15.32 42.11
CA LEU A 12 -20.57 14.62 40.85
C LEU A 12 -21.00 13.17 41.07
N THR A 13 -20.78 12.62 42.25
CA THR A 13 -21.29 11.28 42.56
C THR A 13 -22.79 11.28 42.82
N GLY A 14 -23.39 12.44 43.06
CA GLY A 14 -24.80 12.54 43.35
C GLY A 14 -25.17 12.67 44.81
N LYS A 15 -24.22 13.07 45.66
CA LYS A 15 -24.46 13.25 47.09
C LYS A 15 -24.74 14.72 47.40
N THR A 16 -25.64 14.95 48.34
CA THR A 16 -25.91 16.29 48.84
C THR A 16 -25.26 16.45 50.21
N ILE A 17 -24.42 17.47 50.35
CA ILE A 17 -23.71 17.76 51.59
C ILE A 17 -24.25 19.06 52.16
N THR A 18 -24.53 19.07 53.47
CA THR A 18 -24.97 20.26 54.17
C THR A 18 -23.81 20.84 54.98
N LEU A 19 -23.68 22.16 54.95
CA LEU A 19 -22.68 22.87 55.73
C LEU A 19 -23.35 24.00 56.49
N GLU A 20 -22.89 24.23 57.71
CA GLU A 20 -23.26 25.41 58.48
C GLU A 20 -22.18 26.47 58.25
N VAL A 21 -22.57 27.62 57.68
CA VAL A 21 -21.64 28.64 57.24
C VAL A 21 -22.17 30.01 57.63
N GLU A 22 -21.33 31.02 57.42
CA GLU A 22 -21.66 32.42 57.64
C GLU A 22 -21.31 33.22 56.39
N PRO A 23 -21.96 34.35 56.17
CA PRO A 23 -21.59 35.20 55.02
C PRO A 23 -20.14 35.63 55.06
N SER A 24 -19.56 35.78 56.25
CA SER A 24 -18.16 36.20 56.38
C SER A 24 -17.18 35.07 56.06
N ASP A 25 -17.66 33.85 55.86
CA ASP A 25 -16.78 32.74 55.55
C ASP A 25 -16.19 32.89 54.16
N THR A 26 -14.89 32.67 54.03
CA THR A 26 -14.25 32.66 52.73
C THR A 26 -14.47 31.31 52.04
N ILE A 27 -14.10 31.26 50.76
CA ILE A 27 -14.22 30.00 50.02
C ILE A 27 -13.24 28.96 50.55
N GLU A 28 -12.09 29.41 51.08
CA GLU A 28 -11.19 28.50 51.78
C GLU A 28 -11.88 27.87 52.97
N ASN A 29 -12.60 28.68 53.75
CA ASN A 29 -13.30 28.16 54.92
C ASN A 29 -14.34 27.13 54.53
N VAL A 30 -15.07 27.39 53.44
CA VAL A 30 -16.07 26.43 52.97
C VAL A 30 -15.41 25.15 52.52
N LYS A 31 -14.24 25.25 51.87
CA LYS A 31 -13.52 24.05 51.45
C LYS A 31 -12.96 23.29 52.64
N ALA A 32 -12.57 23.98 53.72
CA ALA A 32 -12.12 23.30 54.91
C ALA A 32 -13.27 22.58 55.61
N LYS A 33 -14.47 23.12 55.54
CA LYS A 33 -15.63 22.42 56.09
C LYS A 33 -15.94 21.16 55.30
N ILE A 34 -15.79 21.21 53.97
CA ILE A 34 -16.00 20.02 53.16
C ILE A 34 -14.92 18.98 53.45
N GLN A 35 -13.68 19.42 53.65
CA GLN A 35 -12.63 18.53 54.10
C GLN A 35 -12.98 17.87 55.43
N ASP A 36 -13.57 18.66 56.34
CA ASP A 36 -13.98 18.14 57.64
C ASP A 36 -14.93 16.95 57.48
N LYS A 37 -15.90 17.06 56.58
CA LYS A 37 -16.94 16.04 56.46
C LYS A 37 -16.57 14.92 55.49
N GLU A 38 -15.95 15.25 54.36
CA GLU A 38 -15.70 14.25 53.32
C GLU A 38 -14.24 13.86 53.20
N GLY A 39 -13.33 14.50 53.93
CA GLY A 39 -11.93 14.14 53.88
C GLY A 39 -11.22 14.49 52.60
N ILE A 40 -11.75 15.42 51.82
CA ILE A 40 -11.15 15.82 50.55
C ILE A 40 -10.16 16.95 50.80
N PRO A 41 -8.94 16.89 50.26
CA PRO A 41 -8.00 18.01 50.39
C PRO A 41 -8.59 19.28 49.80
N PRO A 42 -8.48 20.40 50.51
CA PRO A 42 -9.14 21.64 50.05
C PRO A 42 -8.58 22.18 48.74
N ASP A 43 -7.28 22.00 48.48
CA ASP A 43 -6.73 22.49 47.22
C ASP A 43 -7.01 21.58 46.03
N GLN A 44 -7.78 20.51 46.23
CA GLN A 44 -8.34 19.72 45.15
C GLN A 44 -9.78 20.11 44.83
N GLN A 45 -10.39 20.97 45.64
CA GLN A 45 -11.80 21.29 45.50
C GLN A 45 -12.01 22.49 44.59
N ARG A 46 -13.05 22.42 43.76
CA ARG A 46 -13.56 23.54 43.00
C ARG A 46 -15.04 23.67 43.28
N LEU A 47 -15.47 24.86 43.67
CA LEU A 47 -16.86 25.13 44.02
C LEU A 47 -17.47 26.04 42.96
N ILE A 48 -18.61 25.62 42.42
CA ILE A 48 -19.29 26.32 41.33
C ILE A 48 -20.62 26.85 41.84
N PHE A 49 -20.86 28.15 41.63
CA PHE A 49 -22.11 28.79 41.97
C PHE A 49 -22.46 29.78 40.88
N ALA A 50 -23.76 29.85 40.54
CA ALA A 50 -24.25 30.69 39.45
C ALA A 50 -23.52 30.39 38.14
N GLY A 51 -23.09 29.14 37.97
CA GLY A 51 -22.42 28.71 36.76
C GLY A 51 -20.96 29.12 36.64
N LYS A 52 -20.34 29.59 37.71
CA LYS A 52 -18.95 30.02 37.65
C LYS A 52 -18.20 29.51 38.88
N GLN A 53 -16.88 29.42 38.73
CA GLN A 53 -16.02 28.93 39.80
C GLN A 53 -15.73 30.03 40.80
N LEU A 54 -15.81 29.70 42.09
CA LEU A 54 -15.57 30.65 43.15
C LEU A 54 -14.09 30.70 43.49
N GLU A 55 -13.56 31.90 43.65
CA GLU A 55 -12.16 32.09 43.99
C GLU A 55 -11.99 32.05 45.50
N ASP A 56 -10.82 31.57 45.93
CA ASP A 56 -10.62 31.26 47.35
C ASP A 56 -10.71 32.51 48.22
N GLY A 57 -10.18 33.64 47.75
CA GLY A 57 -10.04 34.80 48.63
C GLY A 57 -11.35 35.46 49.03
N ARG A 58 -12.43 35.19 48.32
CA ARG A 58 -13.68 35.92 48.51
C ARG A 58 -14.63 35.15 49.42
N THR A 59 -15.67 35.83 49.87
CA THR A 59 -16.63 35.29 50.82
C THR A 59 -17.94 34.91 50.13
N LEU A 60 -18.74 34.11 50.84
CA LEU A 60 -20.09 33.80 50.37
C LEU A 60 -20.91 35.08 50.18
N SER A 61 -20.67 36.08 51.02
CA SER A 61 -21.35 37.35 50.88
C SER A 61 -20.94 38.07 49.61
N ASP A 62 -19.65 38.02 49.26
CA ASP A 62 -19.19 38.69 48.04
C ASP A 62 -19.85 38.09 46.81
N TYR A 63 -20.00 36.77 46.76
CA TYR A 63 -20.70 36.10 45.67
C TYR A 63 -22.21 36.08 45.85
N ASN A 64 -22.73 36.71 46.91
CA ASN A 64 -24.16 36.78 47.16
C ASN A 64 -24.77 35.39 47.29
N ILE A 65 -24.14 34.56 48.11
CA ILE A 65 -24.64 33.21 48.40
C ILE A 65 -25.45 33.29 49.69
N GLN A 66 -26.72 32.89 49.61
CA GLN A 66 -27.65 33.02 50.72
C GLN A 66 -27.95 31.67 51.34
N LYS A 67 -28.91 31.66 52.26
CA LYS A 67 -29.34 30.41 52.89
C LYS A 67 -29.98 29.49 51.87
N GLU A 68 -29.78 28.19 52.06
CA GLU A 68 -30.30 27.14 51.18
C GLU A 68 -29.72 27.23 49.77
N SER A 69 -28.65 28.00 49.57
CA SER A 69 -27.97 27.98 48.28
C SER A 69 -27.29 26.64 48.06
N THR A 70 -27.23 26.22 46.81
CA THR A 70 -26.60 24.94 46.45
C THR A 70 -25.33 25.22 45.67
N LEU A 71 -24.20 24.75 46.20
CA LEU A 71 -22.92 24.81 45.54
C LEU A 71 -22.65 23.47 44.86
N HIS A 72 -21.85 23.50 43.80
CA HIS A 72 -21.51 22.30 43.06
C HIS A 72 -20.01 22.05 43.18
N LEU A 73 -19.65 20.86 43.64
CA LEU A 73 -18.26 20.50 43.90
C LEU A 73 -17.70 19.68 42.75
N VAL A 74 -16.54 20.09 42.26
CA VAL A 74 -15.78 19.34 41.27
C VAL A 74 -14.35 19.17 41.80
N LEU A 75 -13.83 17.96 41.67
CA LEU A 75 -12.49 17.64 42.13
C LEU A 75 -11.51 17.79 40.97
N ARG A 76 -10.41 18.50 41.21
CA ARG A 76 -9.37 18.69 40.22
C ARG A 76 -8.01 18.62 40.90
N LEU A 77 -7.11 17.81 40.34
CA LEU A 77 -5.76 17.71 40.88
C LEU A 77 -5.08 19.06 40.88
N ARG A 78 -4.44 19.40 42.00
CA ARG A 78 -3.85 20.73 42.14
C ARG A 78 -2.77 20.99 41.10
N GLY A 79 -2.03 19.96 40.69
CA GLY A 79 -1.03 20.11 39.66
C GLY A 79 -1.44 19.48 38.35
N GLY A 80 -2.74 19.22 38.19
CA GLY A 80 -3.23 18.61 36.98
C GLY A 80 -3.62 19.63 35.93
N MET A 81 -3.94 19.11 34.74
CA MET A 81 -4.33 19.95 33.62
C MET A 81 -5.27 19.15 32.73
N GLN A 82 -5.92 19.85 31.81
CA GLN A 82 -6.80 19.23 30.83
C GLN A 82 -6.10 19.13 29.49
N ILE A 83 -6.27 17.99 28.83
CA ILE A 83 -5.84 17.80 27.45
C ILE A 83 -7.01 17.26 26.65
N PHE A 84 -6.93 17.40 25.34
CA PHE A 84 -8.00 17.01 24.44
C PHE A 84 -7.47 15.99 23.46
N VAL A 85 -8.09 14.81 23.43
CA VAL A 85 -7.73 13.76 22.50
C VAL A 85 -8.79 13.71 21.40
N LYS A 86 -8.36 13.96 20.17
CA LYS A 86 -9.26 14.03 19.02
C LYS A 86 -9.25 12.69 18.29
N THR A 87 -10.44 12.18 17.97
CA THR A 87 -10.56 10.97 17.18
C THR A 87 -10.77 11.34 15.71
N LEU A 88 -10.60 10.33 14.84
CA LEU A 88 -10.90 10.52 13.43
C LEU A 88 -12.39 10.58 13.18
N THR A 89 -13.20 10.14 14.14
CA THR A 89 -14.65 10.29 14.08
C THR A 89 -15.10 11.72 14.32
N GLY A 90 -14.19 12.60 14.77
CA GLY A 90 -14.54 13.96 15.12
C GLY A 90 -14.87 14.16 16.58
N LYS A 91 -15.01 13.09 17.35
CA LYS A 91 -15.24 13.21 18.79
C LYS A 91 -13.99 13.70 19.50
N THR A 92 -14.18 14.53 20.51
CA THR A 92 -13.08 15.05 21.32
C THR A 92 -13.29 14.61 22.76
N ILE A 93 -12.31 13.88 23.29
CA ILE A 93 -12.32 13.44 24.68
C ILE A 93 -11.50 14.43 25.50
N THR A 94 -12.04 14.84 26.65
CA THR A 94 -11.35 15.74 27.57
C THR A 94 -10.88 14.94 28.77
N LEU A 95 -9.58 14.96 29.02
CA LEU A 95 -8.96 14.19 30.08
C LEU A 95 -8.29 15.11 31.08
N GLU A 96 -8.35 14.76 32.36
CA GLU A 96 -7.51 15.38 33.37
C GLU A 96 -6.24 14.57 33.51
N VAL A 97 -5.10 15.21 33.26
CA VAL A 97 -3.81 14.53 33.29
C VAL A 97 -2.84 15.36 34.10
N GLU A 98 -1.73 14.73 34.46
CA GLU A 98 -0.59 15.42 35.05
C GLU A 98 0.60 15.31 34.12
N PRO A 99 1.47 16.33 34.08
CA PRO A 99 2.65 16.24 33.20
C PRO A 99 3.52 15.02 33.45
N SER A 100 3.46 14.44 34.64
CA SER A 100 4.19 13.23 34.96
C SER A 100 3.49 11.95 34.51
N ASP A 101 2.22 12.03 34.12
CA ASP A 101 1.51 10.85 33.67
C ASP A 101 2.17 10.25 32.44
N THR A 102 2.27 8.92 32.43
CA THR A 102 2.82 8.22 31.28
C THR A 102 1.74 7.99 30.23
N ILE A 103 2.18 7.72 29.00
CA ILE A 103 1.26 7.40 27.92
C ILE A 103 0.43 6.18 28.30
N GLU A 104 1.04 5.25 29.03
CA GLU A 104 0.32 4.12 29.61
C GLU A 104 -0.89 4.59 30.42
N ASN A 105 -0.65 5.54 31.33
CA ASN A 105 -1.74 6.04 32.17
C ASN A 105 -2.83 6.72 31.33
N VAL A 106 -2.42 7.51 30.34
CA VAL A 106 -3.40 8.21 29.50
C VAL A 106 -4.31 7.21 28.80
N LYS A 107 -3.74 6.10 28.32
CA LYS A 107 -4.56 5.06 27.70
C LYS A 107 -5.55 4.48 28.70
N ALA A 108 -5.11 4.26 29.94
CA ALA A 108 -6.01 3.75 30.97
C ALA A 108 -7.12 4.77 31.28
N LYS A 109 -6.79 6.06 31.22
CA LYS A 109 -7.82 7.08 31.42
C LYS A 109 -8.83 7.07 30.29
N ILE A 110 -8.37 6.92 29.05
CA ILE A 110 -9.28 6.84 27.92
C ILE A 110 -10.16 5.60 28.03
N GLN A 111 -9.63 4.50 28.56
CA GLN A 111 -10.43 3.30 28.76
C GLN A 111 -11.51 3.54 29.82
N ASP A 112 -11.13 4.15 30.94
CA ASP A 112 -12.09 4.42 32.01
C ASP A 112 -13.25 5.27 31.48
N LYS A 113 -12.94 6.32 30.74
CA LYS A 113 -13.97 7.25 30.28
C LYS A 113 -14.75 6.69 29.10
N GLU A 114 -14.06 6.20 28.08
CA GLU A 114 -14.70 5.83 26.82
C GLU A 114 -14.79 4.33 26.59
N GLY A 115 -14.27 3.51 27.50
CA GLY A 115 -14.40 2.06 27.34
C GLY A 115 -13.56 1.46 26.25
N ILE A 116 -12.53 2.16 25.78
CA ILE A 116 -11.68 1.69 24.69
C ILE A 116 -10.47 0.99 25.29
N PRO A 117 -10.23 -0.28 24.96
CA PRO A 117 -9.09 -0.98 25.57
C PRO A 117 -7.78 -0.37 25.13
N PRO A 118 -6.76 -0.35 26.00
CA PRO A 118 -5.45 0.18 25.59
C PRO A 118 -4.81 -0.62 24.46
N ASP A 119 -5.28 -1.84 24.18
CA ASP A 119 -4.81 -2.57 23.02
C ASP A 119 -5.04 -1.78 21.73
N GLN A 120 -6.18 -1.10 21.64
CA GLN A 120 -6.62 -0.46 20.41
C GLN A 120 -6.28 1.02 20.35
N GLN A 121 -5.38 1.48 21.21
CA GLN A 121 -5.10 2.92 21.35
C GLN A 121 -3.71 3.22 20.79
N ARG A 122 -3.67 4.07 19.77
CA ARG A 122 -2.45 4.70 19.30
C ARG A 122 -2.62 6.20 19.43
N LEU A 123 -1.77 6.84 20.22
CA LEU A 123 -1.86 8.27 20.49
C LEU A 123 -0.76 9.00 19.71
N ILE A 124 -1.12 10.14 19.14
CA ILE A 124 -0.21 10.92 18.30
C ILE A 124 -0.25 12.37 18.76
N PHE A 125 0.93 12.94 19.00
CA PHE A 125 1.06 14.35 19.35
C PHE A 125 2.15 14.97 18.48
N ALA A 126 1.80 16.07 17.81
CA ALA A 126 2.73 16.79 16.93
C ALA A 126 3.34 15.85 15.89
N GLY A 127 2.51 14.95 15.36
CA GLY A 127 2.91 14.06 14.29
C GLY A 127 3.67 12.82 14.70
N LYS A 128 3.91 12.61 15.98
CA LYS A 128 4.70 11.47 16.45
C LYS A 128 3.86 10.58 17.36
N GLN A 129 3.97 9.27 17.15
CA GLN A 129 3.27 8.31 18.00
C GLN A 129 3.97 8.21 19.35
N LEU A 130 3.18 8.20 20.41
CA LEU A 130 3.70 8.25 21.77
C LEU A 130 3.92 6.85 22.34
N GLU A 131 5.02 6.67 23.04
CA GLU A 131 5.45 5.38 23.56
C GLU A 131 5.02 5.22 25.01
N ASP A 132 4.69 3.97 25.38
CA ASP A 132 3.96 3.71 26.62
C ASP A 132 4.73 4.09 27.87
N GLY A 133 6.07 4.01 27.84
CA GLY A 133 6.84 4.27 29.03
C GLY A 133 7.17 5.72 29.30
N ARG A 134 6.98 6.60 28.32
CA ARG A 134 7.36 8.00 28.43
C ARG A 134 6.18 8.84 28.93
N THR A 135 6.50 10.03 29.41
CA THR A 135 5.52 10.90 30.06
C THR A 135 5.08 12.02 29.12
N LEU A 136 4.05 12.75 29.55
CA LEU A 136 3.55 13.88 28.78
C LEU A 136 4.56 15.01 28.74
N SER A 137 5.24 15.26 29.87
CA SER A 137 6.29 16.27 29.89
C SER A 137 7.44 15.90 28.96
N ASP A 138 7.72 14.60 28.82
CA ASP A 138 8.74 14.14 27.89
C ASP A 138 8.45 14.62 26.47
N TYR A 139 7.18 14.53 26.06
CA TYR A 139 6.75 14.99 24.75
C TYR A 139 6.37 16.47 24.75
N ASN A 140 6.63 17.18 25.85
CA ASN A 140 6.29 18.60 25.98
C ASN A 140 4.81 18.84 25.74
N ILE A 141 3.98 17.99 26.31
CA ILE A 141 2.53 18.13 26.22
C ILE A 141 2.06 18.99 27.38
N GLN A 142 1.51 20.16 27.06
CA GLN A 142 1.20 21.17 28.06
C GLN A 142 -0.31 21.33 28.21
N LYS A 143 -0.72 22.33 28.99
CA LYS A 143 -2.12 22.55 29.30
C LYS A 143 -2.94 22.78 28.03
N GLU A 144 -4.08 22.10 27.93
CA GLU A 144 -5.00 22.23 26.80
C GLU A 144 -4.31 21.90 25.47
N SER A 145 -3.34 20.99 25.49
CA SER A 145 -2.79 20.48 24.26
C SER A 145 -3.79 19.57 23.57
N THR A 146 -3.56 19.31 22.29
CA THR A 146 -4.45 18.51 21.47
C THR A 146 -3.71 17.30 20.93
N LEU A 147 -4.22 16.11 21.22
CA LEU A 147 -3.67 14.86 20.73
C LEU A 147 -4.71 14.19 19.83
N HIS A 148 -4.24 13.21 19.06
CA HIS A 148 -5.11 12.43 18.19
C HIS A 148 -5.13 10.97 18.64
N LEU A 149 -6.30 10.34 18.51
CA LEU A 149 -6.48 8.94 18.85
C LEU A 149 -6.89 8.17 17.62
N VAL A 150 -6.09 7.16 17.25
CA VAL A 150 -6.39 6.28 16.13
C VAL A 150 -6.68 4.90 16.70
N LEU A 151 -7.85 4.38 16.40
CA LEU A 151 -8.28 3.08 16.93
C LEU A 151 -7.77 1.95 16.06
N ARG A 152 -7.55 0.79 16.70
CA ARG A 152 -6.90 -0.32 16.00
C ARG A 152 -7.77 -0.87 14.88
N LEU A 153 -9.08 -0.98 15.10
CA LEU A 153 -9.94 -1.58 14.09
C LEU A 153 -11.34 -1.02 14.18
N ARG A 154 -12.11 -1.25 13.11
CA ARG A 154 -13.54 -1.01 13.09
C ARG A 154 -14.36 -2.29 13.17
N GLY A 155 -13.73 -3.45 12.97
CA GLY A 155 -14.47 -4.66 12.67
C GLY A 155 -14.92 -4.61 11.23
N GLY A 156 -16.21 -4.33 11.01
CA GLY A 156 -16.75 -4.14 9.68
C GLY A 156 -16.36 -5.25 8.72
N MET A 157 -16.09 -4.87 7.48
CA MET A 157 -15.57 -5.80 6.48
C MET A 157 -14.13 -5.44 6.16
N GLN A 158 -13.24 -6.43 6.25
CA GLN A 158 -11.84 -6.26 5.92
C GLN A 158 -11.46 -7.21 4.79
N ILE A 159 -10.51 -6.77 3.97
CA ILE A 159 -9.82 -7.63 3.03
C ILE A 159 -8.33 -7.39 3.17
N PHE A 160 -7.53 -8.34 2.70
CA PHE A 160 -6.09 -8.31 2.85
C PHE A 160 -5.43 -8.31 1.47
N VAL A 161 -4.39 -7.48 1.32
CA VAL A 161 -3.65 -7.37 0.08
C VAL A 161 -2.18 -7.62 0.38
N LYS A 162 -1.64 -8.72 -0.14
CA LYS A 162 -0.22 -9.00 -0.08
C LYS A 162 0.49 -8.38 -1.28
N THR A 163 1.72 -7.93 -1.05
CA THR A 163 2.45 -7.17 -2.07
C THR A 163 3.81 -7.81 -2.33
N LEU A 164 4.51 -7.23 -3.32
CA LEU A 164 5.82 -7.76 -3.73
C LEU A 164 6.86 -7.61 -2.64
N THR A 165 6.76 -6.58 -1.81
CA THR A 165 7.73 -6.34 -0.74
C THR A 165 7.50 -7.24 0.47
N GLY A 166 6.50 -8.13 0.44
CA GLY A 166 6.17 -8.97 1.56
C GLY A 166 5.23 -8.36 2.56
N LYS A 167 5.05 -7.04 2.51
CA LYS A 167 4.12 -6.36 3.40
C LYS A 167 2.68 -6.71 3.03
N THR A 168 1.91 -7.18 4.01
CA THR A 168 0.50 -7.49 3.82
C THR A 168 -0.33 -6.32 4.32
N ILE A 169 -1.24 -5.85 3.48
CA ILE A 169 -2.04 -4.66 3.76
C ILE A 169 -3.40 -5.10 4.25
N THR A 170 -3.97 -4.31 5.16
CA THR A 170 -5.32 -4.51 5.66
C THR A 170 -6.18 -3.31 5.29
N LEU A 171 -7.27 -3.56 4.58
CA LEU A 171 -8.16 -2.52 4.09
C LEU A 171 -9.56 -2.70 4.66
N GLU A 172 -10.29 -1.58 4.74
CA GLU A 172 -11.67 -1.55 5.23
C GLU A 172 -12.57 -1.11 4.08
N VAL A 173 -13.41 -2.02 3.60
CA VAL A 173 -14.28 -1.78 2.45
C VAL A 173 -15.66 -2.35 2.74
N GLU A 174 -16.59 -2.10 1.83
CA GLU A 174 -17.99 -2.52 1.86
C GLU A 174 -18.31 -3.17 0.52
N PRO A 175 -19.31 -4.07 0.45
CA PRO A 175 -19.44 -4.88 -0.77
C PRO A 175 -19.70 -4.04 -2.01
N SER A 176 -20.26 -2.85 -1.84
CA SER A 176 -20.50 -1.92 -2.94
C SER A 176 -19.22 -1.36 -3.53
N ASP A 177 -18.05 -1.70 -2.98
CA ASP A 177 -16.84 -0.96 -3.30
C ASP A 177 -16.32 -1.34 -4.69
N THR A 178 -16.29 -0.34 -5.58
CA THR A 178 -15.60 -0.46 -6.85
C THR A 178 -14.15 -0.86 -6.62
N ILE A 179 -13.60 -1.65 -7.55
CA ILE A 179 -12.19 -2.03 -7.44
C ILE A 179 -11.29 -0.81 -7.65
N GLU A 180 -11.70 0.12 -8.53
CA GLU A 180 -11.03 1.41 -8.61
C GLU A 180 -11.01 2.10 -7.25
N ASN A 181 -12.07 1.93 -6.46
CA ASN A 181 -12.05 2.44 -5.09
C ASN A 181 -10.97 1.76 -4.25
N VAL A 182 -11.01 0.42 -4.22
CA VAL A 182 -10.01 -0.33 -3.45
C VAL A 182 -8.60 -0.01 -3.94
N LYS A 183 -8.45 0.23 -5.24
CA LYS A 183 -7.15 0.67 -5.75
C LYS A 183 -6.79 2.06 -5.24
N ALA A 184 -7.78 2.91 -5.02
CA ALA A 184 -7.52 4.23 -4.46
C ALA A 184 -7.19 4.15 -2.98
N LYS A 185 -7.80 3.21 -2.25
CA LYS A 185 -7.48 3.05 -0.84
C LYS A 185 -6.10 2.43 -0.66
N ILE A 186 -5.67 1.57 -1.58
CA ILE A 186 -4.29 1.13 -1.60
C ILE A 186 -3.37 2.31 -1.93
N GLN A 187 -3.81 3.19 -2.83
CA GLN A 187 -3.05 4.39 -3.15
C GLN A 187 -2.94 5.32 -1.96
N ASP A 188 -3.96 5.34 -1.10
CA ASP A 188 -3.93 6.22 0.06
C ASP A 188 -2.97 5.72 1.13
N LYS A 189 -2.82 4.40 1.25
CA LYS A 189 -1.97 3.82 2.28
C LYS A 189 -0.55 3.56 1.81
N GLU A 190 -0.35 3.29 0.52
CA GLU A 190 0.95 2.93 0.00
C GLU A 190 1.48 3.87 -1.07
N GLY A 191 0.67 4.82 -1.56
CA GLY A 191 1.13 5.77 -2.54
C GLY A 191 1.23 5.25 -3.95
N ILE A 192 0.83 4.01 -4.21
CA ILE A 192 0.91 3.43 -5.55
C ILE A 192 -0.22 3.97 -6.41
N PRO A 193 0.08 4.69 -7.49
CA PRO A 193 -0.98 5.18 -8.39
C PRO A 193 -1.87 4.04 -8.85
N PRO A 194 -3.18 4.26 -8.95
CA PRO A 194 -4.09 3.16 -9.27
C PRO A 194 -3.93 2.63 -10.68
N ASP A 195 -3.41 3.42 -11.62
CA ASP A 195 -3.30 2.97 -13.00
C ASP A 195 -2.30 1.84 -13.16
N GLN A 196 -1.33 1.71 -12.26
CA GLN A 196 -0.33 0.66 -12.35
C GLN A 196 -0.57 -0.48 -11.36
N GLN A 197 -1.74 -0.51 -10.72
CA GLN A 197 -2.11 -1.62 -9.85
C GLN A 197 -2.84 -2.70 -10.62
N ARG A 198 -2.48 -3.96 -10.36
CA ARG A 198 -3.22 -5.12 -10.85
C ARG A 198 -3.62 -5.95 -9.64
N LEU A 199 -4.89 -5.88 -9.26
CA LEU A 199 -5.41 -6.66 -8.15
C LEU A 199 -5.86 -8.02 -8.65
N ILE A 200 -5.39 -9.08 -8.00
CA ILE A 200 -5.68 -10.45 -8.38
C ILE A 200 -6.32 -11.17 -7.19
N PHE A 201 -7.47 -11.79 -7.43
CA PHE A 201 -8.10 -12.68 -6.46
C PHE A 201 -8.29 -14.04 -7.10
N ALA A 202 -7.67 -15.06 -6.50
CA ALA A 202 -7.80 -16.45 -6.96
C ALA A 202 -7.41 -16.59 -8.43
N GLY A 203 -6.36 -15.90 -8.84
CA GLY A 203 -5.87 -15.96 -10.20
C GLY A 203 -6.66 -15.15 -11.21
N LYS A 204 -7.67 -14.40 -10.78
CA LYS A 204 -8.50 -13.61 -11.67
C LYS A 204 -8.08 -12.15 -11.59
N GLN A 205 -7.72 -11.57 -12.73
CA GLN A 205 -7.46 -10.14 -12.77
C GLN A 205 -8.78 -9.40 -12.56
N LEU A 206 -8.80 -8.53 -11.56
CA LEU A 206 -10.00 -7.80 -11.20
C LEU A 206 -10.05 -6.47 -11.96
N GLU A 207 -11.18 -6.20 -12.60
CA GLU A 207 -11.36 -4.98 -13.37
C GLU A 207 -12.14 -3.96 -12.56
N ASP A 208 -11.79 -2.68 -12.76
CA ASP A 208 -12.24 -1.62 -11.85
C ASP A 208 -13.75 -1.50 -11.81
N GLY A 209 -14.40 -1.55 -12.98
CA GLY A 209 -15.84 -1.31 -13.04
C GLY A 209 -16.64 -2.21 -12.11
N ARG A 210 -16.30 -3.49 -12.08
CA ARG A 210 -16.98 -4.42 -11.19
C ARG A 210 -16.54 -4.20 -9.75
N THR A 211 -17.39 -4.63 -8.81
CA THR A 211 -17.16 -4.43 -7.40
C THR A 211 -16.88 -5.76 -6.71
N LEU A 212 -16.65 -5.69 -5.39
CA LEU A 212 -16.28 -6.88 -4.63
C LEU A 212 -17.36 -7.94 -4.67
N SER A 213 -18.61 -7.54 -4.38
CA SER A 213 -19.70 -8.51 -4.37
C SER A 213 -19.89 -9.18 -5.72
N ASP A 214 -19.61 -8.47 -6.82
CA ASP A 214 -19.78 -9.03 -8.14
C ASP A 214 -18.66 -9.99 -8.52
N TYR A 215 -17.49 -9.87 -7.88
CA TYR A 215 -16.49 -10.94 -7.92
C TYR A 215 -16.67 -11.92 -6.77
N ASN A 216 -17.73 -11.75 -5.97
CA ASN A 216 -18.04 -12.63 -4.84
C ASN A 216 -16.86 -12.76 -3.89
N ILE A 217 -16.23 -11.63 -3.60
CA ILE A 217 -15.10 -11.55 -2.69
C ILE A 217 -15.62 -11.09 -1.34
N GLN A 218 -15.63 -11.99 -0.35
CA GLN A 218 -16.19 -11.68 0.95
C GLN A 218 -15.10 -11.14 1.89
N LYS A 219 -15.48 -10.90 3.14
CA LYS A 219 -14.56 -10.31 4.11
C LYS A 219 -13.46 -11.31 4.48
N GLU A 220 -12.34 -10.76 4.95
CA GLU A 220 -11.13 -11.49 5.29
C GLU A 220 -10.46 -12.14 4.08
N SER A 221 -10.93 -11.85 2.87
CA SER A 221 -10.25 -12.32 1.68
C SER A 221 -8.81 -11.81 1.65
N THR A 222 -7.96 -12.50 0.89
CA THR A 222 -6.60 -12.06 0.65
C THR A 222 -6.39 -11.94 -0.86
N LEU A 223 -6.03 -10.75 -1.31
CA LEU A 223 -5.76 -10.48 -2.71
C LEU A 223 -4.26 -10.32 -2.92
N HIS A 224 -3.85 -10.31 -4.19
CA HIS A 224 -2.47 -10.11 -4.57
C HIS A 224 -2.37 -8.86 -5.42
N LEU A 225 -1.43 -7.98 -5.07
CA LEU A 225 -1.22 -6.74 -5.79
C LEU A 225 0.02 -6.89 -6.67
N VAL A 226 -0.19 -6.97 -7.98
CA VAL A 226 0.89 -6.96 -8.96
C VAL A 226 0.92 -5.58 -9.61
N LEU A 227 2.12 -5.06 -9.81
CA LEU A 227 2.29 -3.71 -10.35
C LEU A 227 2.94 -3.78 -11.72
N ARG A 228 2.27 -3.20 -12.72
CA ARG A 228 2.89 -2.90 -14.00
C ARG A 228 3.44 -1.49 -13.94
N LEU A 229 4.20 -1.10 -14.97
CA LEU A 229 4.80 0.22 -14.98
C LEU A 229 4.94 0.71 -16.41
N ARG A 230 4.60 1.98 -16.62
CA ARG A 230 4.87 2.69 -17.87
C ARG A 230 6.10 3.57 -17.65
N GLY A 231 7.22 3.16 -18.24
CA GLY A 231 8.44 3.93 -18.11
C GLY A 231 9.49 3.40 -19.07
N GLY A 232 10.55 4.18 -19.21
CA GLY A 232 11.66 3.79 -20.06
C GLY A 232 12.28 2.48 -19.67
N MET A 233 12.39 1.55 -20.62
CA MET A 233 12.95 0.23 -20.40
C MET A 233 13.98 -0.05 -21.47
N GLN A 234 14.74 -1.13 -21.27
CA GLN A 234 15.73 -1.58 -22.23
C GLN A 234 15.43 -3.02 -22.63
N ILE A 235 15.31 -3.25 -23.94
CA ILE A 235 15.09 -4.58 -24.48
C ILE A 235 16.25 -4.93 -25.40
N PHE A 236 16.44 -6.23 -25.59
CA PHE A 236 17.50 -6.75 -26.44
C PHE A 236 16.89 -7.37 -27.69
N VAL A 237 17.41 -7.00 -28.85
CA VAL A 237 17.08 -7.65 -30.11
C VAL A 237 18.28 -8.46 -30.56
N LYS A 238 18.06 -9.75 -30.80
CA LYS A 238 19.13 -10.70 -31.04
C LYS A 238 18.96 -11.32 -32.42
N THR A 239 20.02 -11.25 -33.23
CA THR A 239 19.98 -11.88 -34.54
C THR A 239 20.37 -13.35 -34.44
N LEU A 240 20.23 -14.05 -35.56
CA LEU A 240 20.64 -15.46 -35.60
C LEU A 240 22.14 -15.61 -35.48
N THR A 241 22.91 -14.56 -35.78
CA THR A 241 24.35 -14.58 -35.60
C THR A 241 24.78 -14.42 -34.15
N GLY A 242 23.85 -14.19 -33.23
CA GLY A 242 24.18 -13.86 -31.87
C GLY A 242 24.40 -12.39 -31.60
N LYS A 243 24.43 -11.58 -32.65
CA LYS A 243 24.49 -10.13 -32.51
C LYS A 243 23.36 -9.65 -31.60
N THR A 244 23.71 -8.79 -30.64
CA THR A 244 22.74 -8.28 -29.67
C THR A 244 22.89 -6.76 -29.59
N ILE A 245 21.84 -6.04 -29.98
CA ILE A 245 21.76 -4.61 -29.79
C ILE A 245 20.80 -4.34 -28.64
N THR A 246 21.01 -3.22 -27.95
CA THR A 246 20.14 -2.81 -26.85
C THR A 246 19.26 -1.66 -27.32
N LEU A 247 17.96 -1.82 -27.15
CA LEU A 247 16.99 -0.82 -27.56
C LEU A 247 16.45 -0.06 -26.36
N GLU A 248 16.06 1.19 -26.59
CA GLU A 248 15.37 2.00 -25.60
C GLU A 248 13.92 2.17 -26.04
N VAL A 249 12.99 1.72 -25.21
CA VAL A 249 11.58 1.64 -25.59
C VAL A 249 10.71 2.00 -24.38
N GLU A 250 9.41 2.15 -24.66
CA GLU A 250 8.34 2.28 -23.70
C GLU A 250 7.31 1.19 -23.95
N PRO A 251 6.58 0.75 -22.93
CA PRO A 251 5.56 -0.29 -23.15
C PRO A 251 4.48 0.11 -24.13
N SER A 252 4.23 1.41 -24.32
CA SER A 252 3.25 1.87 -25.29
C SER A 252 3.76 1.81 -26.72
N ASP A 253 5.04 1.51 -26.92
CA ASP A 253 5.60 1.47 -28.26
C ASP A 253 5.00 0.32 -29.07
N THR A 254 4.76 0.59 -30.35
CA THR A 254 4.26 -0.43 -31.26
C THR A 254 5.41 -1.33 -31.72
N ILE A 255 5.06 -2.46 -32.32
CA ILE A 255 6.06 -3.28 -32.99
C ILE A 255 6.60 -2.54 -34.20
N GLU A 256 5.74 -1.78 -34.89
CA GLU A 256 6.21 -0.88 -35.94
C GLU A 256 7.23 0.11 -35.41
N ASN A 257 7.01 0.63 -34.20
CA ASN A 257 7.96 1.54 -33.59
C ASN A 257 9.30 0.86 -33.36
N VAL A 258 9.28 -0.40 -32.93
CA VAL A 258 10.52 -1.12 -32.65
C VAL A 258 11.28 -1.40 -33.94
N LYS A 259 10.57 -1.82 -34.98
CA LYS A 259 11.23 -2.07 -36.26
C LYS A 259 11.83 -0.80 -36.85
N ALA A 260 11.19 0.35 -36.59
CA ALA A 260 11.78 1.61 -37.03
C ALA A 260 13.06 1.93 -36.26
N LYS A 261 13.13 1.53 -34.99
CA LYS A 261 14.36 1.72 -34.23
C LYS A 261 15.46 0.80 -34.72
N ILE A 262 15.11 -0.43 -35.08
CA ILE A 262 16.09 -1.37 -35.63
C ILE A 262 16.61 -0.85 -36.97
N GLN A 263 15.73 -0.27 -37.79
CA GLN A 263 16.16 0.30 -39.06
C GLN A 263 17.16 1.43 -38.85
N ASP A 264 16.96 2.24 -37.81
CA ASP A 264 17.87 3.34 -37.55
C ASP A 264 19.24 2.84 -37.09
N LYS A 265 19.27 1.72 -36.37
CA LYS A 265 20.53 1.23 -35.80
C LYS A 265 21.25 0.24 -36.69
N GLU A 266 20.53 -0.53 -37.52
CA GLU A 266 21.13 -1.56 -38.33
C GLU A 266 20.83 -1.42 -39.83
N GLY A 267 20.01 -0.44 -40.22
CA GLY A 267 19.76 -0.21 -41.62
C GLY A 267 18.82 -1.17 -42.30
N ILE A 268 18.16 -2.05 -41.55
CA ILE A 268 17.28 -3.06 -42.13
C ILE A 268 15.88 -2.48 -42.21
N PRO A 269 15.25 -2.47 -43.39
CA PRO A 269 13.91 -1.90 -43.49
C PRO A 269 12.90 -2.75 -42.74
N PRO A 270 11.83 -2.15 -42.23
CA PRO A 270 10.84 -2.94 -41.46
C PRO A 270 10.13 -4.02 -42.27
N ASP A 271 9.93 -3.81 -43.58
CA ASP A 271 9.30 -4.85 -44.37
C ASP A 271 10.18 -6.08 -44.52
N GLN A 272 11.47 -5.98 -44.18
CA GLN A 272 12.37 -7.12 -44.14
C GLN A 272 12.61 -7.62 -42.72
N GLN A 273 11.84 -7.13 -41.76
CA GLN A 273 12.05 -7.44 -40.35
C GLN A 273 10.93 -8.34 -39.83
N ARG A 274 11.30 -9.41 -39.14
CA ARG A 274 10.36 -10.26 -38.44
C ARG A 274 10.88 -10.46 -37.02
N LEU A 275 10.09 -10.04 -36.04
CA LEU A 275 10.48 -10.08 -34.64
C LEU A 275 9.75 -11.22 -33.94
N ILE A 276 10.50 -11.97 -33.12
CA ILE A 276 9.98 -13.13 -32.42
C ILE A 276 10.22 -12.96 -30.93
N PHE A 277 9.17 -13.15 -30.14
CA PHE A 277 9.25 -13.12 -28.68
C PHE A 277 8.28 -14.15 -28.12
N ALA A 278 8.74 -14.90 -27.13
CA ALA A 278 7.93 -15.92 -26.45
C ALA A 278 7.31 -16.89 -27.47
N GLY A 279 8.13 -17.34 -28.41
CA GLY A 279 7.68 -18.28 -29.41
C GLY A 279 6.62 -17.76 -30.35
N LYS A 280 6.49 -16.44 -30.48
CA LYS A 280 5.46 -15.84 -31.33
C LYS A 280 6.07 -14.78 -32.22
N GLN A 281 5.52 -14.67 -33.43
CA GLN A 281 5.83 -13.53 -34.29
C GLN A 281 5.01 -12.32 -33.85
N LEU A 282 5.65 -11.17 -33.81
CA LEU A 282 5.02 -9.96 -33.27
C LEU A 282 4.33 -9.17 -34.38
N GLU A 283 3.06 -8.85 -34.16
CA GLU A 283 2.28 -8.09 -35.12
C GLU A 283 2.56 -6.60 -34.98
N ASP A 284 2.69 -5.91 -36.11
CA ASP A 284 3.06 -4.49 -36.10
C ASP A 284 2.05 -3.64 -35.35
N GLY A 285 0.77 -4.00 -35.40
CA GLY A 285 -0.26 -3.17 -34.77
C GLY A 285 -0.20 -3.19 -33.26
N ARG A 286 0.19 -4.31 -32.66
CA ARG A 286 0.15 -4.46 -31.22
C ARG A 286 1.33 -3.76 -30.56
N THR A 287 1.22 -3.55 -29.26
CA THR A 287 2.23 -2.84 -28.49
C THR A 287 3.11 -3.83 -27.71
N LEU A 288 4.15 -3.28 -27.09
CA LEU A 288 4.99 -4.09 -26.23
C LEU A 288 4.24 -4.56 -24.99
N SER A 289 3.32 -3.74 -24.48
CA SER A 289 2.49 -4.15 -23.36
C SER A 289 1.60 -5.32 -23.74
N ASP A 290 1.11 -5.33 -24.99
CA ASP A 290 0.22 -6.40 -25.43
C ASP A 290 0.88 -7.77 -25.30
N TYR A 291 2.19 -7.83 -25.54
CA TYR A 291 2.94 -9.07 -25.41
C TYR A 291 3.61 -9.21 -24.06
N ASN A 292 3.34 -8.29 -23.12
CA ASN A 292 3.97 -8.27 -21.80
C ASN A 292 5.49 -8.26 -21.91
N ILE A 293 6.00 -7.71 -23.01
CA ILE A 293 7.44 -7.57 -23.19
C ILE A 293 7.96 -6.57 -22.18
N GLN A 294 8.58 -7.07 -21.12
CA GLN A 294 8.99 -6.20 -20.03
C GLN A 294 10.50 -5.97 -20.09
N LYS A 295 11.09 -5.58 -18.96
CA LYS A 295 12.46 -5.10 -18.94
CA LYS A 295 12.46 -5.10 -18.92
C LYS A 295 13.45 -6.22 -19.19
N GLU A 296 14.47 -5.93 -20.01
CA GLU A 296 15.55 -6.86 -20.34
C GLU A 296 15.04 -8.12 -21.04
N SER A 297 13.97 -7.99 -21.83
CA SER A 297 13.50 -9.09 -22.65
C SER A 297 14.34 -9.19 -23.92
N THR A 298 14.35 -10.39 -24.50
CA THR A 298 15.11 -10.67 -25.72
C THR A 298 14.14 -10.95 -26.85
N LEU A 299 14.14 -10.09 -27.86
CA LEU A 299 13.40 -10.32 -29.09
C LEU A 299 14.34 -10.85 -30.17
N HIS A 300 13.89 -11.87 -30.89
CA HIS A 300 14.69 -12.45 -31.95
C HIS A 300 14.33 -11.82 -33.28
N LEU A 301 15.34 -11.59 -34.12
CA LEU A 301 15.18 -10.90 -35.38
C LEU A 301 15.55 -11.83 -36.52
N VAL A 302 14.58 -12.10 -37.40
CA VAL A 302 14.80 -12.90 -38.61
C VAL A 302 14.45 -12.03 -39.80
N LEU A 303 15.38 -11.92 -40.75
CA LEU A 303 15.21 -11.05 -41.90
C LEU A 303 14.60 -11.81 -43.07
N ARG A 304 13.63 -11.19 -43.73
CA ARG A 304 13.12 -11.73 -44.98
C ARG A 304 14.24 -11.80 -46.01
N LEU A 305 14.01 -12.57 -47.07
CA LEU A 305 15.06 -12.87 -48.02
C LEU A 305 15.12 -11.81 -49.11
N ARG A 306 16.32 -11.29 -49.34
CA ARG A 306 16.52 -10.23 -50.31
C ARG A 306 16.40 -10.76 -51.74
N GLY A 307 15.81 -9.95 -52.61
CA GLY A 307 15.68 -10.31 -54.00
C GLY A 307 15.19 -9.13 -54.80
N GLY A 308 15.46 -9.18 -56.10
CA GLY A 308 15.04 -8.11 -57.00
C GLY A 308 15.46 -8.32 -58.45
N GLU B 3 -30.33 33.02 29.62
CA GLU B 3 -30.20 33.07 28.18
C GLU B 3 -28.76 33.38 27.77
N PHE B 4 -27.82 32.68 28.41
CA PHE B 4 -26.41 32.95 28.23
C PHE B 4 -25.90 32.39 26.91
N VAL B 5 -24.74 32.91 26.49
CA VAL B 5 -24.16 32.50 25.21
C VAL B 5 -23.57 31.10 25.32
N GLY B 6 -22.88 30.80 26.41
CA GLY B 6 -22.20 29.53 26.54
C GLY B 6 -23.13 28.36 26.77
N TRP B 7 -22.52 27.18 26.91
CA TRP B 7 -23.26 25.95 27.21
C TRP B 7 -23.01 25.56 28.66
N GLN B 8 -24.10 25.39 29.41
CA GLN B 8 -24.00 24.96 30.80
C GLN B 8 -23.75 23.45 30.85
N CYS B 9 -22.83 23.05 31.72
CA CYS B 9 -22.49 21.64 31.82
C CYS B 9 -23.58 20.90 32.59
N PRO B 10 -24.19 19.86 32.00
CA PRO B 10 -25.27 19.15 32.71
C PRO B 10 -24.80 18.41 33.95
N GLY B 11 -23.49 18.25 34.14
CA GLY B 11 -22.98 17.52 35.30
C GLY B 11 -22.60 18.40 36.47
N CYS B 12 -22.02 19.57 36.20
CA CYS B 12 -21.48 20.43 37.23
C CYS B 12 -22.06 21.84 37.24
N THR B 13 -22.94 22.16 36.28
CA THR B 13 -23.62 23.45 36.12
C THR B 13 -22.68 24.59 35.71
N PHE B 14 -21.40 24.32 35.48
CA PHE B 14 -20.50 25.37 34.99
C PHE B 14 -20.86 25.73 33.56
N ILE B 15 -20.92 27.03 33.27
CA ILE B 15 -21.28 27.52 31.96
C ILE B 15 -20.00 27.69 31.15
N ASN B 16 -19.83 26.86 30.13
CA ASN B 16 -18.61 26.83 29.34
C ASN B 16 -18.75 27.67 28.08
N LYS B 17 -17.62 28.15 27.57
CA LYS B 17 -17.61 28.88 26.32
C LYS B 17 -18.13 27.97 25.20
N PRO B 18 -18.81 28.56 24.20
CA PRO B 18 -19.47 27.71 23.19
C PRO B 18 -18.53 26.78 22.45
N THR B 19 -17.30 27.21 22.17
CA THR B 19 -16.39 26.43 21.34
C THR B 19 -15.67 25.32 22.08
N ARG B 20 -15.76 25.27 23.40
CA ARG B 20 -15.00 24.27 24.15
C ARG B 20 -15.68 22.90 24.05
N PRO B 21 -14.93 21.84 23.75
CA PRO B 21 -15.54 20.52 23.59
C PRO B 21 -15.85 19.85 24.92
N GLY B 22 -15.05 20.16 25.95
CA GLY B 22 -15.25 19.60 27.26
C GLY B 22 -15.38 20.70 28.30
N CYS B 23 -16.02 20.36 29.41
CA CYS B 23 -16.27 21.33 30.46
C CYS B 23 -14.98 21.69 31.18
N GLU B 24 -14.76 22.99 31.37
CA GLU B 24 -13.52 23.48 31.96
C GLU B 24 -13.32 22.99 33.39
N MET B 25 -14.39 22.56 34.07
CA MET B 25 -14.30 22.11 35.45
C MET B 25 -14.23 20.59 35.56
N CYS B 26 -15.19 19.87 34.98
CA CYS B 26 -15.36 18.44 35.24
C CYS B 26 -15.04 17.56 34.04
N CYS B 27 -14.52 18.12 32.94
CA CYS B 27 -14.10 17.42 31.74
C CYS B 27 -15.24 16.76 30.97
N ARG B 28 -16.49 17.02 31.32
CA ARG B 28 -17.60 16.40 30.62
C ARG B 28 -17.73 16.96 29.21
N ALA B 29 -18.07 16.10 28.26
CA ALA B 29 -18.17 16.50 26.87
C ALA B 29 -19.34 17.46 26.66
N ARG B 30 -19.14 18.39 25.74
CA ARG B 30 -20.21 19.31 25.37
C ARG B 30 -21.38 18.51 24.78
N PRO B 31 -22.59 18.67 25.30
CA PRO B 31 -23.73 17.91 24.76
C PRO B 31 -23.93 18.18 23.27
N GLU B 32 -24.13 17.10 22.51
CA GLU B 32 -24.25 17.22 21.07
C GLU B 32 -25.45 18.06 20.64
N ALA B 33 -26.48 18.16 21.49
CA ALA B 33 -27.63 18.98 21.14
C ALA B 33 -27.26 20.45 21.03
N TYR B 34 -26.28 20.91 21.80
CA TYR B 34 -25.91 22.32 21.82
C TYR B 34 -25.37 22.76 20.47
N GLN B 35 -25.83 23.93 20.02
CA GLN B 35 -25.38 24.54 18.78
C GLN B 35 -24.54 25.77 19.11
N VAL B 36 -23.36 25.86 18.53
CA VAL B 36 -22.48 27.01 18.74
C VAL B 36 -22.98 28.16 17.86
N PRO B 37 -23.34 29.29 18.44
CA PRO B 37 -23.72 30.45 17.62
C PRO B 37 -22.53 30.94 16.81
N ALA B 38 -22.79 31.21 15.52
CA ALA B 38 -21.78 31.89 14.71
C ALA B 38 -21.49 33.29 15.24
N SER B 39 -22.35 33.82 16.10
CA SER B 39 -22.10 35.12 16.72
C SER B 39 -20.89 35.09 17.63
N TYR B 40 -20.56 33.94 18.21
CA TYR B 40 -19.53 33.88 19.23
C TYR B 40 -18.14 34.04 18.62
N GLN B 41 -17.34 34.92 19.23
CA GLN B 41 -15.94 35.08 18.88
C GLN B 41 -15.10 34.45 19.98
N PRO B 42 -14.25 33.47 19.69
CA PRO B 42 -13.45 32.85 20.76
C PRO B 42 -12.43 33.83 21.33
N ASP B 43 -12.21 33.74 22.65
CA ASP B 43 -11.30 34.63 23.34
C ASP B 43 -9.86 34.13 23.15
N GLU B 44 -8.93 34.65 23.94
CA GLU B 44 -7.53 34.28 23.74
C GLU B 44 -7.29 32.82 24.11
N GLU B 45 -7.98 32.30 25.12
CA GLU B 45 -7.79 30.91 25.50
C GLU B 45 -8.36 29.97 24.44
N GLU B 46 -9.56 30.26 23.95
CA GLU B 46 -10.21 29.37 22.99
C GLU B 46 -9.56 29.44 21.62
N ARG B 47 -9.23 30.65 21.15
CA ARG B 47 -8.53 30.79 19.88
C ARG B 47 -7.17 30.13 19.92
N ALA B 48 -6.52 30.12 21.08
CA ALA B 48 -5.27 29.39 21.23
C ALA B 48 -5.49 27.89 21.16
N ARG B 49 -6.54 27.40 21.82
CA ARG B 49 -6.82 25.96 21.79
C ARG B 49 -7.21 25.49 20.39
N LEU B 50 -8.03 26.29 19.69
CA LEU B 50 -8.40 25.94 18.32
C LEU B 50 -7.20 25.98 17.40
N ALA B 51 -6.27 26.90 17.65
CA ALA B 51 -5.05 26.96 16.86
C ALA B 51 -4.21 25.70 17.05
N GLY B 52 -4.02 25.28 18.31
CA GLY B 52 -3.31 24.04 18.57
C GLY B 52 -4.01 22.83 17.97
N GLU B 53 -5.34 22.85 17.92
CA GLU B 53 -6.07 21.75 17.31
C GLU B 53 -5.81 21.69 15.80
N GLU B 54 -5.86 22.85 15.13
CA GLU B 54 -5.61 22.85 13.69
C GLU B 54 -4.17 22.51 13.36
N GLU B 55 -3.23 22.82 14.27
CA GLU B 55 -1.84 22.43 14.04
C GLU B 55 -1.64 20.95 14.30
N ALA B 56 -2.32 20.40 15.31
CA ALA B 56 -2.28 18.96 15.54
C ALA B 56 -2.80 18.22 14.31
N LEU B 57 -3.92 18.68 13.75
CA LEU B 57 -4.44 18.09 12.52
C LEU B 57 -3.46 18.29 11.37
N ARG B 58 -2.86 19.47 11.28
CA ARG B 58 -1.90 19.74 10.23
C ARG B 58 -0.71 18.78 10.31
N GLN B 59 -0.19 18.56 11.52
CA GLN B 59 0.96 17.68 11.67
C GLN B 59 0.60 16.21 11.49
N TYR B 60 -0.62 15.82 11.88
CA TYR B 60 -1.05 14.45 11.65
C TYR B 60 -1.17 14.16 10.15
N GLN B 61 -1.67 15.13 9.38
CA GLN B 61 -1.85 14.90 7.95
C GLN B 61 -0.52 14.79 7.23
N GLN B 62 0.47 15.60 7.60
CA GLN B 62 1.79 15.47 6.99
C GLN B 62 2.52 14.22 7.47
N ARG B 63 2.13 13.67 8.63
CA ARG B 63 2.64 12.37 9.03
C ARG B 63 2.17 11.29 8.07
N LYS B 64 0.88 11.31 7.72
CA LYS B 64 0.33 10.30 6.82
C LYS B 64 0.88 10.43 5.40
N GLN B 65 1.26 11.64 4.99
CA GLN B 65 1.88 11.81 3.67
C GLN B 65 3.28 11.24 3.67
N GLN B 66 3.98 11.27 4.80
CA GLN B 66 5.30 10.66 4.87
C GLN B 66 5.21 9.13 4.86
N GLN B 67 4.15 8.56 5.45
CA GLN B 67 3.89 7.14 5.27
C GLN B 67 3.66 6.82 3.80
N GLN B 68 2.81 7.60 3.15
CA GLN B 68 2.48 7.36 1.75
C GLN B 68 3.72 7.39 0.86
N GLU B 69 4.55 8.42 1.01
CA GLU B 69 5.75 8.53 0.20
C GLU B 69 6.82 7.54 0.65
N GLY B 70 6.91 7.28 1.96
CA GLY B 70 7.86 6.30 2.44
C GLY B 70 7.52 4.89 2.03
N ASN B 71 6.23 4.53 2.09
CA ASN B 71 5.81 3.20 1.67
C ASN B 71 6.03 2.99 0.18
N TYR B 72 5.73 4.01 -0.63
CA TYR B 72 5.80 3.86 -2.08
C TYR B 72 7.22 3.62 -2.55
N LEU B 73 8.20 4.31 -1.94
CA LEU B 73 9.58 4.18 -2.40
C LEU B 73 10.12 2.78 -2.17
N GLN B 74 9.63 2.08 -1.15
CA GLN B 74 10.06 0.70 -0.94
C GLN B 74 9.49 -0.23 -2.00
N HIS B 75 8.30 0.08 -2.52
CA HIS B 75 7.76 -0.69 -3.64
C HIS B 75 8.61 -0.47 -4.89
N VAL B 76 9.02 0.76 -5.15
CA VAL B 76 9.90 1.06 -6.26
C VAL B 76 11.31 0.53 -6.00
N GLN B 77 11.67 0.31 -4.73
CA GLN B 77 12.99 -0.21 -4.39
C GLN B 77 13.26 -1.56 -5.05
N LEU B 78 12.22 -2.38 -5.23
CA LEU B 78 12.40 -3.77 -5.64
C LEU B 78 12.58 -3.92 -7.15
N ASP B 79 12.43 -2.87 -7.93
CA ASP B 79 12.77 -2.92 -9.34
C ASP B 79 14.26 -2.75 -9.60
N GLN B 80 15.05 -2.55 -8.55
CA GLN B 80 16.50 -2.43 -8.68
C GLN B 80 17.17 -3.78 -8.94
N ARG B 81 16.47 -4.88 -8.79
CA ARG B 81 17.03 -6.21 -9.01
C ARG B 81 16.00 -7.08 -9.71
N SER B 82 16.48 -8.17 -10.31
CA SER B 82 15.63 -9.00 -11.15
C SER B 82 14.73 -9.92 -10.33
N LEU B 83 15.29 -10.56 -9.31
CA LEU B 83 14.53 -11.49 -8.47
C LEU B 83 14.08 -10.79 -7.19
N VAL B 84 12.85 -11.07 -6.78
CA VAL B 84 12.28 -10.58 -5.53
C VAL B 84 12.27 -11.75 -4.55
N LEU B 85 12.84 -11.52 -3.36
CA LEU B 85 13.06 -12.57 -2.39
C LEU B 85 12.04 -12.48 -1.26
N ASN B 86 11.92 -13.56 -0.50
CA ASN B 86 10.96 -13.63 0.59
C ASN B 86 11.48 -12.88 1.80
N THR B 87 10.63 -12.05 2.41
CA THR B 87 10.98 -11.35 3.64
C THR B 87 10.62 -12.14 4.88
N GLU B 88 9.66 -13.06 4.79
CA GLU B 88 9.29 -13.96 5.87
C GLU B 88 9.63 -15.39 5.46
N PRO B 89 9.65 -16.35 6.38
CA PRO B 89 9.77 -17.76 5.97
C PRO B 89 8.62 -18.16 5.06
N ALA B 90 8.95 -18.96 4.05
CA ALA B 90 7.98 -19.38 3.06
C ALA B 90 8.06 -20.89 2.87
N GLU B 91 6.94 -21.48 2.43
CA GLU B 91 6.87 -22.90 2.13
C GLU B 91 6.62 -23.06 0.63
N CYS B 92 7.50 -23.80 -0.04
CA CYS B 92 7.35 -23.98 -1.47
C CYS B 92 6.20 -24.94 -1.76
N PRO B 93 5.22 -24.54 -2.58
CA PRO B 93 4.09 -25.44 -2.87
C PRO B 93 4.47 -26.67 -3.67
N VAL B 94 5.65 -26.71 -4.26
CA VAL B 94 6.15 -27.89 -4.97
C VAL B 94 7.11 -28.69 -4.10
N CYS B 95 8.07 -28.00 -3.47
CA CYS B 95 9.03 -28.67 -2.60
C CYS B 95 8.36 -29.26 -1.37
N TYR B 96 7.57 -28.44 -0.68
CA TYR B 96 7.19 -28.56 0.73
C TYR B 96 8.34 -28.19 1.64
N SER B 97 9.43 -27.68 1.08
CA SER B 97 10.59 -27.28 1.85
C SER B 97 10.34 -25.95 2.55
N VAL B 98 10.94 -25.81 3.73
CA VAL B 98 10.92 -24.54 4.44
C VAL B 98 12.04 -23.66 3.90
N LEU B 99 11.74 -22.37 3.74
CA LEU B 99 12.64 -21.43 3.09
C LEU B 99 12.83 -20.22 3.97
N ALA B 100 14.05 -20.03 4.48
CA ALA B 100 14.37 -18.86 5.26
C ALA B 100 14.26 -17.60 4.39
N PRO B 101 14.11 -16.43 5.01
CA PRO B 101 14.08 -15.18 4.23
C PRO B 101 15.32 -15.06 3.35
N GLY B 102 15.10 -14.70 2.08
CA GLY B 102 16.18 -14.52 1.15
C GLY B 102 16.62 -15.76 0.42
N GLU B 103 15.95 -16.90 0.65
CA GLU B 103 16.24 -18.16 -0.05
C GLU B 103 15.07 -18.65 -0.89
N ALA B 104 14.01 -17.86 -1.03
CA ALA B 104 12.90 -18.16 -1.91
C ALA B 104 12.63 -16.95 -2.80
N VAL B 105 12.05 -17.22 -3.97
CA VAL B 105 11.80 -16.21 -4.98
C VAL B 105 10.30 -15.94 -5.04
N VAL B 106 9.93 -14.67 -5.02
CA VAL B 106 8.54 -14.24 -5.17
C VAL B 106 8.32 -13.87 -6.63
N LEU B 107 7.43 -14.59 -7.30
CA LEU B 107 7.16 -14.33 -8.71
C LEU B 107 6.45 -12.99 -8.86
N ARG B 108 6.91 -12.20 -9.83
CA ARG B 108 6.43 -10.83 -9.95
C ARG B 108 5.00 -10.77 -10.48
N GLU B 109 4.66 -11.65 -11.43
CA GLU B 109 3.32 -11.65 -11.99
C GLU B 109 2.31 -12.37 -11.11
N CYS B 110 2.77 -13.23 -10.21
CA CYS B 110 1.86 -14.06 -9.42
C CYS B 110 1.86 -13.74 -7.93
N LEU B 111 3.02 -13.43 -7.37
CA LEU B 111 3.28 -13.25 -5.94
C LEU B 111 3.37 -14.59 -5.22
N HIS B 112 3.36 -15.71 -5.94
CA HIS B 112 3.58 -17.00 -5.32
C HIS B 112 5.08 -17.25 -5.17
N THR B 113 5.46 -17.90 -4.07
CA THR B 113 6.84 -18.00 -3.65
C THR B 113 7.32 -19.42 -3.77
N PHE B 114 8.51 -19.61 -4.34
CA PHE B 114 9.03 -20.94 -4.66
C PHE B 114 10.51 -21.02 -4.35
N CYS B 115 11.02 -22.25 -4.42
CA CYS B 115 12.46 -22.50 -4.40
C CYS B 115 13.10 -22.03 -5.71
N ARG B 116 14.41 -21.81 -5.65
CA ARG B 116 15.16 -21.63 -6.88
C ARG B 116 15.26 -22.94 -7.65
N GLU B 117 15.25 -24.06 -6.94
CA GLU B 117 15.49 -25.36 -7.56
C GLU B 117 14.28 -25.82 -8.36
N CYS B 118 13.09 -25.78 -7.75
CA CYS B 118 11.89 -26.22 -8.44
C CYS B 118 11.58 -25.31 -9.62
N LEU B 119 11.78 -24.00 -9.45
CA LEU B 119 11.62 -23.08 -10.58
C LEU B 119 12.59 -23.39 -11.70
N GLN B 120 13.80 -23.86 -11.35
CA GLN B 120 14.76 -24.24 -12.38
C GLN B 120 14.28 -25.43 -13.18
N GLY B 121 13.72 -26.44 -12.52
CA GLY B 121 13.12 -27.54 -13.24
C GLY B 121 11.85 -27.15 -13.98
N THR B 122 11.07 -26.23 -13.41
CA THR B 122 9.88 -25.75 -14.07
C THR B 122 10.21 -25.00 -15.36
N ILE B 123 11.33 -24.26 -15.36
CA ILE B 123 11.76 -23.57 -16.58
C ILE B 123 12.30 -24.58 -17.58
N ARG B 124 13.17 -25.49 -17.13
CA ARG B 124 13.79 -26.44 -18.02
C ARG B 124 12.80 -27.47 -18.57
N ASN B 125 11.65 -27.64 -17.92
CA ASN B 125 10.65 -28.60 -18.37
C ASN B 125 9.47 -27.94 -19.08
N SER B 126 9.45 -26.61 -19.15
CA SER B 126 8.35 -25.92 -19.83
C SER B 126 8.41 -26.19 -21.33
N GLN B 127 7.33 -26.74 -21.87
CA GLN B 127 7.23 -26.94 -23.31
C GLN B 127 6.77 -25.70 -24.04
N GLU B 128 6.28 -24.69 -23.32
CA GLU B 128 5.90 -23.42 -23.90
C GLU B 128 7.01 -22.40 -23.69
N ALA B 129 7.15 -21.49 -24.65
CA ALA B 129 8.15 -20.44 -24.53
C ALA B 129 7.88 -19.52 -23.34
N GLU B 130 6.64 -19.42 -22.90
CA GLU B 130 6.29 -18.68 -21.70
C GLU B 130 6.13 -19.67 -20.55
N VAL B 131 6.97 -19.52 -19.53
CA VAL B 131 6.93 -20.43 -18.38
C VAL B 131 5.82 -19.99 -17.44
N SER B 132 4.90 -20.90 -17.14
CA SER B 132 3.86 -20.63 -16.17
C SER B 132 4.42 -20.77 -14.75
N CYS B 133 3.71 -20.19 -13.81
CA CYS B 133 3.97 -20.47 -12.41
C CYS B 133 3.41 -21.84 -12.07
N PRO B 134 4.19 -22.74 -11.45
CA PRO B 134 3.71 -24.11 -11.23
C PRO B 134 2.64 -24.24 -10.16
N PHE B 135 2.15 -23.13 -9.59
CA PHE B 135 1.21 -23.20 -8.49
C PHE B 135 -0.14 -23.78 -8.95
N ILE B 136 -0.63 -24.77 -8.20
CA ILE B 136 -1.96 -25.34 -8.43
C ILE B 136 -2.61 -25.58 -7.08
N ASP B 137 -3.83 -25.06 -6.91
CA ASP B 137 -4.63 -25.44 -5.74
C ASP B 137 -6.02 -25.87 -6.21
N ASN B 138 -6.94 -26.07 -5.27
CA ASN B 138 -8.26 -26.57 -5.63
C ASN B 138 -9.17 -25.52 -6.22
N THR B 139 -8.76 -24.24 -6.22
CA THR B 139 -9.55 -23.20 -6.85
C THR B 139 -9.12 -22.93 -8.28
N TYR B 140 -7.81 -22.82 -8.52
CA TYR B 140 -7.33 -22.37 -9.81
C TYR B 140 -5.89 -22.82 -10.02
N SER B 141 -5.54 -22.99 -11.29
CA SER B 141 -4.15 -22.98 -11.73
C SER B 141 -3.76 -21.54 -12.02
N CYS B 142 -2.56 -21.15 -11.57
CA CYS B 142 -2.13 -19.78 -11.78
C CYS B 142 -1.65 -19.58 -13.20
N SER B 143 -2.16 -18.54 -13.86
CA SER B 143 -1.84 -18.26 -15.25
C SER B 143 -0.75 -17.20 -15.41
N GLY B 144 -0.10 -16.81 -14.31
CA GLY B 144 0.98 -15.86 -14.40
C GLY B 144 2.22 -16.47 -15.02
N LYS B 145 3.03 -15.62 -15.65
CA LYS B 145 4.22 -16.06 -16.36
C LYS B 145 5.47 -15.50 -15.72
N LEU B 146 6.52 -16.31 -15.67
CA LEU B 146 7.82 -15.86 -15.20
C LEU B 146 8.42 -14.89 -16.23
N LEU B 147 8.89 -13.75 -15.76
CA LEU B 147 9.53 -12.79 -16.66
C LEU B 147 10.94 -13.26 -17.00
N GLU B 148 11.38 -12.92 -18.22
CA GLU B 148 12.72 -13.33 -18.64
C GLU B 148 13.80 -12.80 -17.71
N ARG B 149 13.58 -11.61 -17.14
CA ARG B 149 14.45 -11.12 -16.07
C ARG B 149 14.62 -12.18 -14.98
N GLU B 150 13.50 -12.70 -14.48
CA GLU B 150 13.56 -13.73 -13.44
C GLU B 150 14.17 -15.03 -13.96
N ILE B 151 13.93 -15.35 -15.23
CA ILE B 151 14.43 -16.61 -15.79
C ILE B 151 15.94 -16.56 -15.96
N LYS B 152 16.46 -15.43 -16.43
CA LYS B 152 17.90 -15.29 -16.60
C LYS B 152 18.64 -15.40 -15.27
N ALA B 153 18.07 -14.81 -14.21
CA ALA B 153 18.70 -14.85 -12.89
C ALA B 153 18.56 -16.22 -12.24
N LEU B 154 17.63 -17.06 -12.71
CA LEU B 154 17.42 -18.36 -12.10
C LEU B 154 18.22 -19.47 -12.75
N LEU B 155 18.66 -19.29 -13.99
CA LEU B 155 19.33 -20.33 -14.75
C LEU B 155 20.82 -20.06 -14.88
N THR B 156 21.59 -21.14 -15.05
CA THR B 156 22.96 -21.00 -15.51
C THR B 156 22.95 -20.41 -16.92
N PRO B 157 24.01 -19.70 -17.32
CA PRO B 157 24.04 -19.13 -18.67
C PRO B 157 23.84 -20.17 -19.77
N GLU B 158 24.31 -21.40 -19.56
CA GLU B 158 24.06 -22.47 -20.52
C GLU B 158 22.56 -22.72 -20.67
N ASP B 159 21.87 -22.87 -19.54
CA ASP B 159 20.44 -23.16 -19.60
C ASP B 159 19.64 -21.96 -20.09
N TYR B 160 20.07 -20.74 -19.77
CA TYR B 160 19.40 -19.55 -20.27
C TYR B 160 19.48 -19.49 -21.79
N GLN B 161 20.63 -19.87 -22.35
CA GLN B 161 20.77 -19.90 -23.80
C GLN B 161 19.94 -21.02 -24.41
N ARG B 162 19.88 -22.17 -23.74
CA ARG B 162 18.97 -23.23 -24.16
C ARG B 162 17.52 -22.76 -24.12
N PHE B 163 17.19 -21.88 -23.16
CA PHE B 163 15.83 -21.36 -23.07
C PHE B 163 15.49 -20.49 -24.27
N LEU B 164 16.41 -19.60 -24.67
CA LEU B 164 16.17 -18.74 -25.82
C LEU B 164 16.09 -19.54 -27.10
N ASP B 165 16.93 -20.58 -27.23
CA ASP B 165 16.92 -21.40 -28.43
C ASP B 165 15.59 -22.13 -28.59
N LEU B 166 15.02 -22.63 -27.49
CA LEU B 166 13.72 -23.28 -27.55
C LEU B 166 12.64 -22.28 -27.93
N GLY B 167 12.75 -21.04 -27.46
CA GLY B 167 11.75 -20.04 -27.78
C GLY B 167 11.68 -19.75 -29.27
N ILE B 168 12.83 -19.52 -29.90
CA ILE B 168 12.83 -19.22 -31.33
C ILE B 168 12.44 -20.44 -32.15
N SER B 169 12.81 -21.64 -31.70
CA SER B 169 12.43 -22.85 -32.41
C SER B 169 10.96 -23.17 -32.23
N ILE B 170 10.33 -22.71 -31.14
CA ILE B 170 8.89 -22.83 -31.01
C ILE B 170 8.19 -22.00 -32.08
N ALA B 171 8.66 -20.77 -32.30
CA ALA B 171 8.10 -19.94 -33.36
C ALA B 171 8.39 -20.54 -34.73
N GLU B 172 9.56 -21.16 -34.88
CA GLU B 172 9.93 -21.75 -36.16
C GLU B 172 9.03 -22.93 -36.51
N ASN B 173 8.79 -23.82 -35.55
CA ASN B 173 7.90 -24.94 -35.77
C ASN B 173 6.48 -24.48 -36.07
N ARG B 174 6.09 -23.32 -35.54
CA ARG B 174 4.74 -22.82 -35.73
C ARG B 174 4.48 -22.37 -37.16
N SER B 175 5.49 -21.84 -37.83
CA SER B 175 5.34 -21.35 -39.20
C SER B 175 5.69 -22.45 -40.18
N ALA B 176 4.79 -22.70 -41.13
CA ALA B 176 5.05 -23.61 -42.24
C ALA B 176 5.76 -22.92 -43.40
N PHE B 177 6.01 -21.61 -43.28
CA PHE B 177 6.74 -20.85 -44.29
C PHE B 177 8.18 -20.59 -43.90
N SER B 178 8.72 -21.38 -42.98
CA SER B 178 10.10 -21.24 -42.53
C SER B 178 10.97 -22.29 -43.21
N TYR B 179 12.25 -21.94 -43.40
CA TYR B 179 13.24 -22.84 -43.96
C TYR B 179 14.49 -22.77 -43.10
N HIS B 180 15.06 -23.93 -42.77
CA HIS B 180 16.24 -24.00 -41.91
C HIS B 180 17.46 -24.35 -42.73
N CYS B 181 18.61 -23.81 -42.30
CA CYS B 181 19.88 -24.12 -42.94
C CYS B 181 20.16 -25.62 -42.84
N LYS B 182 20.60 -26.20 -43.96
CA LYS B 182 20.85 -27.63 -44.02
C LYS B 182 22.24 -28.01 -43.49
N THR B 183 23.03 -27.04 -43.07
CA THR B 183 24.28 -27.36 -42.39
C THR B 183 23.97 -27.98 -41.04
N PRO B 184 24.61 -29.09 -40.66
CA PRO B 184 24.29 -29.73 -39.38
C PRO B 184 24.56 -28.81 -38.20
N ASP B 185 23.64 -28.85 -37.23
CA ASP B 185 23.70 -28.10 -35.98
C ASP B 185 23.69 -26.60 -36.18
N CYS B 186 23.45 -26.13 -37.40
CA CYS B 186 23.41 -24.70 -37.67
C CYS B 186 22.08 -24.10 -37.25
N LYS B 187 22.14 -22.91 -36.66
CA LYS B 187 20.95 -22.25 -36.14
C LYS B 187 20.28 -21.34 -37.17
N GLY B 188 20.87 -21.15 -38.34
CA GLY B 188 20.32 -20.22 -39.32
C GLY B 188 19.03 -20.75 -39.92
N TRP B 189 18.06 -19.85 -40.06
CA TRP B 189 16.80 -20.17 -40.72
C TRP B 189 16.15 -18.86 -41.16
N CYS B 190 15.19 -18.98 -42.09
CA CYS B 190 14.63 -17.81 -42.76
C CYS B 190 13.15 -18.05 -43.03
N PHE B 191 12.51 -17.04 -43.61
CA PHE B 191 11.11 -17.09 -44.01
C PHE B 191 11.03 -17.05 -45.53
N PHE B 192 10.19 -17.91 -46.10
CA PHE B 192 10.06 -18.00 -47.55
C PHE B 192 9.50 -16.70 -48.12
N GLU B 193 10.30 -16.02 -48.93
CA GLU B 193 9.81 -14.93 -49.75
C GLU B 193 9.45 -15.46 -51.13
N ASP B 194 8.38 -14.93 -51.71
CA ASP B 194 7.90 -15.43 -52.99
C ASP B 194 8.95 -15.24 -54.08
N ASP B 195 9.17 -16.30 -54.87
CA ASP B 195 10.06 -16.29 -56.03
C ASP B 195 11.51 -16.04 -55.65
N VAL B 196 11.90 -16.41 -54.42
CA VAL B 196 13.29 -16.41 -53.99
C VAL B 196 13.71 -17.86 -53.84
N ASN B 197 14.77 -18.24 -54.54
CA ASN B 197 15.20 -19.63 -54.61
C ASN B 197 16.50 -19.92 -53.88
N GLU B 198 17.14 -18.91 -53.29
CA GLU B 198 18.42 -19.10 -52.63
C GLU B 198 18.45 -18.34 -51.32
N PHE B 199 18.89 -19.02 -50.27
CA PHE B 199 19.02 -18.44 -48.93
C PHE B 199 20.47 -18.59 -48.49
N THR B 200 21.21 -17.50 -48.49
CA THR B 200 22.58 -17.50 -47.98
C THR B 200 22.54 -17.34 -46.47
N CYS B 201 22.86 -18.41 -45.75
CA CYS B 201 22.69 -18.41 -44.31
C CYS B 201 23.68 -17.46 -43.65
N PRO B 202 23.23 -16.63 -42.69
CA PRO B 202 24.15 -15.70 -42.03
C PRO B 202 25.03 -16.35 -40.97
N VAL B 203 24.89 -17.65 -40.73
CA VAL B 203 25.71 -18.35 -39.74
C VAL B 203 26.85 -19.09 -40.44
N CYS B 204 26.50 -20.07 -41.28
CA CYS B 204 27.48 -20.88 -41.98
C CYS B 204 27.98 -20.24 -43.26
N PHE B 205 27.22 -19.31 -43.83
CA PHE B 205 27.49 -18.61 -45.08
C PHE B 205 27.36 -19.50 -46.30
N HIS B 206 26.96 -20.77 -46.13
CA HIS B 206 26.66 -21.61 -47.28
C HIS B 206 25.33 -21.19 -47.90
N VAL B 207 25.23 -21.34 -49.22
CA VAL B 207 24.05 -20.93 -49.96
C VAL B 207 23.09 -22.10 -50.04
N ASN B 208 21.91 -21.94 -49.45
CA ASN B 208 20.88 -22.98 -49.47
C ASN B 208 19.96 -22.76 -50.65
N CYS B 209 19.78 -23.81 -51.46
CA CYS B 209 18.80 -23.77 -52.54
C CYS B 209 17.42 -24.07 -51.97
N LEU B 210 16.51 -23.11 -52.08
CA LEU B 210 15.18 -23.29 -51.53
C LEU B 210 14.33 -24.21 -52.39
N LEU B 211 14.67 -24.40 -53.66
CA LEU B 211 13.93 -25.31 -54.51
C LEU B 211 14.14 -26.76 -54.08
N CYS B 212 15.39 -27.20 -54.03
CA CYS B 212 15.72 -28.54 -53.58
C CYS B 212 15.70 -28.67 -52.06
N LYS B 213 15.65 -27.55 -51.33
CA LYS B 213 15.78 -27.54 -49.89
C LYS B 213 17.02 -28.30 -49.45
N ALA B 214 18.15 -27.91 -50.02
CA ALA B 214 19.44 -28.53 -49.76
C ALA B 214 20.53 -27.57 -50.21
N ILE B 215 21.78 -27.92 -49.89
CA ILE B 215 22.94 -27.12 -50.27
C ILE B 215 23.68 -27.87 -51.36
N HIS B 216 23.66 -27.32 -52.58
CA HIS B 216 24.41 -27.86 -53.71
C HIS B 216 25.13 -26.69 -54.40
N GLU B 217 26.19 -26.19 -53.76
CA GLU B 217 26.88 -25.01 -54.26
C GLU B 217 27.73 -25.32 -55.48
N GLN B 218 28.25 -26.54 -55.59
CA GLN B 218 29.07 -26.94 -56.73
C GLN B 218 28.24 -27.59 -57.84
N MET B 219 26.92 -27.42 -57.81
CA MET B 219 26.03 -28.05 -58.77
C MET B 219 24.88 -27.10 -59.09
N ASN B 220 24.06 -27.52 -60.05
CA ASN B 220 22.74 -26.93 -60.24
C ASN B 220 21.69 -27.91 -59.73
N CYS B 221 20.42 -27.50 -59.80
CA CYS B 221 19.36 -28.27 -59.16
C CYS B 221 19.18 -29.64 -59.81
N LYS B 222 19.33 -29.73 -61.14
CA LYS B 222 19.15 -31.01 -61.82
C LYS B 222 20.33 -31.93 -61.59
N GLU B 223 21.53 -31.37 -61.60
CA GLU B 223 22.73 -32.14 -61.30
C GLU B 223 22.67 -32.71 -59.88
N TYR B 224 22.21 -31.90 -58.93
CA TYR B 224 22.09 -32.38 -57.56
C TYR B 224 21.01 -33.45 -57.45
N GLN B 225 19.88 -33.28 -58.13
CA GLN B 225 18.77 -34.21 -57.98
C GLN B 225 19.10 -35.58 -58.57
N GLU B 226 19.76 -35.61 -59.72
CA GLU B 226 20.12 -36.90 -60.32
C GLU B 226 21.26 -37.55 -59.54
N ASP B 227 22.21 -36.76 -59.05
CA ASP B 227 23.24 -37.31 -58.17
C ASP B 227 22.62 -37.84 -56.88
N LEU B 228 21.58 -37.17 -56.38
CA LEU B 228 20.92 -37.62 -55.16
C LEU B 228 20.27 -38.99 -55.35
N ALA B 229 19.51 -39.15 -56.44
CA ALA B 229 18.87 -40.43 -56.70
C ALA B 229 19.89 -41.52 -57.03
N LEU B 230 21.02 -41.14 -57.63
CA LEU B 230 22.03 -42.13 -57.97
C LEU B 230 22.74 -42.66 -56.73
N ARG B 231 22.96 -41.80 -55.73
CA ARG B 231 23.68 -42.19 -54.53
C ARG B 231 22.81 -42.96 -53.55
N ALA B 232 21.49 -42.91 -53.68
CA ALA B 232 20.58 -43.39 -52.64
C ALA B 232 19.76 -44.59 -53.07
N GLN B 233 20.22 -45.31 -54.09
CA GLN B 233 19.36 -46.31 -54.72
C GLN B 233 18.99 -47.43 -53.77
N ASN B 234 17.70 -47.73 -53.70
CA ASN B 234 17.10 -48.53 -52.64
C ASN B 234 17.82 -48.30 -51.31
ZN ZN C . 23.98 -22.19 -41.86
ZN ZN D . -18.87 20.24 34.16
ZN ZN E . 18.36 -26.96 -56.14
ZN ZN F . 10.74 -25.96 -4.35
ZN ZN G . 1.80 -18.25 -9.80
#